data_8WQ6
#
_entry.id   8WQ6
#
_cell.length_a   53.933
_cell.length_b   64.098
_cell.length_c   128.341
_cell.angle_alpha   90.000
_cell.angle_beta   90.000
_cell.angle_gamma   90.000
#
_symmetry.space_group_name_H-M   'P 21 21 21'
#
loop_
_entity.id
_entity.type
_entity.pdbx_description
1 polymer '21 kDa seed protein-like'
2 non-polymer 'ACETATE ION'
3 non-polymer 'ZINC ION'
4 non-polymer 'PENTAETHYLENE GLYCOL'
5 water water
#
_entity_poly.entity_id   1
_entity_poly.type   'polypeptide(L)'
_entity_poly.pdbx_seq_one_letter_code
;KNEPVLDTDGDELRAGEQYYVVSAIWGAGGGGLALGRLTDQKCPEIVVQRRSDMDYGTPVVFYNLDTKDDIVRRSNDLNI
QFVPIRDKLCLTSTVWKIDDYDTSTGKWWVTTDGVIGNPGPQTLQSWFKIEKSGTLGYKFNFCPSVCESCVTLCNDIGRY
GHDGQTRLALGENGWPFVFKKASSTIKQVVNAKN
;
_entity_poly.pdbx_strand_id   A,B
#
# COMPACT_ATOMS: atom_id res chain seq x y z
N LYS A 1 15.73 -12.07 -23.32
CA LYS A 1 14.82 -11.42 -22.37
C LYS A 1 15.44 -11.52 -20.97
N ASN A 2 14.62 -11.36 -19.93
CA ASN A 2 15.15 -11.54 -18.59
C ASN A 2 15.56 -12.99 -18.36
N GLU A 3 16.38 -13.18 -17.33
CA GLU A 3 16.93 -14.49 -17.03
C GLU A 3 15.86 -15.44 -16.49
N PRO A 4 15.73 -16.64 -17.04
CA PRO A 4 14.73 -17.59 -16.52
C PRO A 4 14.97 -17.95 -15.06
N VAL A 5 13.89 -18.14 -14.33
CA VAL A 5 13.92 -18.79 -13.02
C VAL A 5 14.10 -20.28 -13.22
N LEU A 6 14.93 -20.92 -12.38
CA LEU A 6 15.19 -22.34 -12.47
C LEU A 6 14.56 -23.08 -11.29
N ASP A 7 14.13 -24.31 -11.53
CA ASP A 7 13.64 -25.15 -10.45
C ASP A 7 14.81 -25.92 -9.85
N THR A 8 14.52 -26.80 -8.90
CA THR A 8 15.57 -27.52 -8.18
C THR A 8 16.25 -28.56 -9.06
N ASP A 9 15.71 -28.87 -10.23
CA ASP A 9 16.38 -29.76 -11.18
C ASP A 9 17.25 -29.00 -12.16
N GLY A 10 17.29 -27.68 -12.07
CA GLY A 10 18.01 -26.85 -13.01
C GLY A 10 17.23 -26.49 -14.26
N ASP A 11 15.97 -26.89 -14.36
CA ASP A 11 15.15 -26.59 -15.52
C ASP A 11 14.46 -25.24 -15.39
N GLU A 12 14.37 -24.53 -16.52
CA GLU A 12 13.63 -23.26 -16.52
C GLU A 12 12.17 -23.48 -16.15
N LEU A 13 11.65 -22.56 -15.34
CA LEU A 13 10.24 -22.65 -14.96
C LEU A 13 9.36 -22.37 -16.17
N ARG A 14 8.28 -23.15 -16.30
CA ARG A 14 7.30 -22.97 -17.36
C ARG A 14 6.02 -22.38 -16.80
N ALA A 15 5.54 -21.31 -17.43
CA ALA A 15 4.20 -20.80 -17.11
C ALA A 15 3.16 -21.89 -17.32
N GLY A 16 2.17 -21.91 -16.42
CA GLY A 16 1.09 -22.87 -16.53
C GLY A 16 1.37 -24.22 -15.92
N GLU A 17 2.56 -24.47 -15.40
CA GLU A 17 2.92 -25.74 -14.78
C GLU A 17 2.99 -25.60 -13.27
N GLN A 18 2.80 -26.73 -12.59
CA GLN A 18 2.68 -26.76 -11.13
C GLN A 18 4.05 -26.90 -10.47
N TYR A 19 4.29 -26.07 -9.46
CA TYR A 19 5.52 -26.10 -8.68
C TYR A 19 5.20 -25.91 -7.20
N TYR A 20 5.83 -26.72 -6.37
CA TYR A 20 5.85 -26.42 -4.95
C TYR A 20 6.81 -25.28 -4.71
N VAL A 21 6.44 -24.41 -3.77
CA VAL A 21 7.30 -23.30 -3.36
C VAL A 21 7.79 -23.63 -1.96
N VAL A 22 9.06 -23.99 -1.85
CA VAL A 22 9.61 -24.56 -0.62
C VAL A 22 10.73 -23.66 -0.11
N SER A 23 10.77 -23.43 1.20
CA SER A 23 11.80 -22.55 1.74
C SER A 23 13.19 -23.08 1.39
N ALA A 24 14.07 -22.18 0.94
CA ALA A 24 15.45 -22.57 0.64
C ALA A 24 16.24 -22.85 1.91
N ILE A 25 15.66 -22.51 3.07
CA ILE A 25 16.27 -22.73 4.37
C ILE A 25 15.37 -23.71 5.11
N TRP A 26 15.91 -24.89 5.45
CA TRP A 26 15.07 -25.87 6.08
C TRP A 26 15.23 -25.79 7.60
N GLY A 27 14.82 -26.83 8.32
CA GLY A 27 14.84 -26.75 9.77
C GLY A 27 13.84 -25.72 10.26
N ALA A 28 14.31 -24.78 11.08
CA ALA A 28 13.45 -23.69 11.54
C ALA A 28 13.00 -22.78 10.42
N GLY A 29 13.63 -22.88 9.25
CA GLY A 29 13.17 -22.16 8.07
C GLY A 29 11.90 -22.70 7.46
N GLY A 30 11.43 -23.88 7.89
CA GLY A 30 10.12 -24.39 7.52
C GLY A 30 10.08 -25.08 6.16
N GLY A 31 8.85 -25.35 5.73
CA GLY A 31 8.62 -26.06 4.49
C GLY A 31 8.02 -25.22 3.38
N GLY A 32 6.98 -25.76 2.73
CA GLY A 32 6.39 -25.12 1.57
C GLY A 32 5.18 -24.28 1.90
N LEU A 33 4.69 -23.56 0.89
CA LEU A 33 3.56 -22.66 1.04
C LEU A 33 2.24 -23.38 0.79
N ALA A 34 1.16 -22.86 1.39
CA ALA A 34 -0.15 -23.49 1.29
C ALA A 34 -1.22 -22.45 1.59
N LEU A 35 -2.46 -22.85 1.35
CA LEU A 35 -3.61 -22.05 1.74
C LEU A 35 -3.91 -22.28 3.21
N GLY A 36 -4.15 -21.21 3.95
CA GLY A 36 -4.51 -21.28 5.34
C GLY A 36 -5.78 -20.50 5.60
N ARG A 37 -6.26 -20.59 6.83
CA ARG A 37 -7.45 -19.86 7.26
C ARG A 37 -7.20 -19.11 8.54
N LEU A 38 -7.74 -17.90 8.59
CA LEU A 38 -7.87 -17.12 9.82
C LEU A 38 -9.26 -17.33 10.40
N THR A 39 -9.34 -17.45 11.71
CA THR A 39 -10.66 -17.60 12.34
C THR A 39 -11.51 -16.35 12.15
N ASP A 40 -10.90 -15.17 12.16
CA ASP A 40 -11.68 -13.93 12.06
C ASP A 40 -12.16 -13.63 10.65
N GLN A 41 -11.58 -14.27 9.64
CA GLN A 41 -11.97 -14.00 8.24
C GLN A 41 -11.59 -15.25 7.45
N LYS A 42 -12.45 -16.27 7.55
CA LYS A 42 -12.13 -17.58 6.97
C LYS A 42 -12.05 -17.56 5.45
N CYS A 43 -12.72 -16.63 4.78
CA CYS A 43 -12.55 -16.45 3.34
C CYS A 43 -12.26 -14.99 3.03
N PRO A 44 -11.34 -14.71 2.10
CA PRO A 44 -10.54 -15.65 1.33
C PRO A 44 -9.53 -16.38 2.20
N GLU A 45 -8.98 -17.47 1.69
CA GLU A 45 -7.89 -18.12 2.38
C GLU A 45 -6.62 -17.28 2.27
N ILE A 46 -5.76 -17.41 3.27
CA ILE A 46 -4.54 -16.64 3.31
C ILE A 46 -3.40 -17.54 2.86
N VAL A 47 -2.24 -16.95 2.60
CA VAL A 47 -1.05 -17.72 2.26
C VAL A 47 -0.26 -17.99 3.53
N VAL A 48 0.04 -19.26 3.79
CA VAL A 48 0.81 -19.64 4.97
C VAL A 48 1.96 -20.54 4.55
N GLN A 49 2.94 -20.68 5.45
CA GLN A 49 4.02 -21.62 5.26
C GLN A 49 3.86 -22.79 6.23
N ARG A 50 4.02 -24.01 5.72
CA ARG A 50 4.07 -25.17 6.57
C ARG A 50 5.30 -25.12 7.46
N ARG A 51 5.13 -25.45 8.74
CA ARG A 51 6.25 -25.44 9.66
C ARG A 51 7.21 -26.60 9.38
N SER A 52 6.69 -27.71 8.91
CA SER A 52 7.53 -28.88 8.66
C SER A 52 8.27 -28.72 7.34
N ASP A 53 9.61 -28.83 7.38
CA ASP A 53 10.35 -28.78 6.12
C ASP A 53 10.16 -30.03 5.27
N MET A 54 9.45 -31.04 5.76
CA MET A 54 9.06 -32.18 4.95
C MET A 54 7.72 -31.99 4.25
N ASP A 55 7.02 -30.90 4.53
CA ASP A 55 5.71 -30.63 3.95
C ASP A 55 5.89 -29.53 2.90
N TYR A 56 5.77 -29.92 1.64
CA TYR A 56 5.96 -28.99 0.54
C TYR A 56 4.75 -28.10 0.31
N GLY A 57 3.65 -28.34 1.03
CA GLY A 57 2.45 -27.53 0.87
C GLY A 57 1.65 -27.86 -0.37
N THR A 58 1.10 -26.82 -0.99
CA THR A 58 0.24 -26.93 -2.16
C THR A 58 0.92 -26.28 -3.34
N PRO A 59 0.94 -26.89 -4.53
CA PRO A 59 1.64 -26.27 -5.66
C PRO A 59 0.94 -24.99 -6.11
N VAL A 60 1.73 -24.16 -6.78
CA VAL A 60 1.23 -22.98 -7.47
C VAL A 60 1.50 -23.13 -8.95
N VAL A 61 0.78 -22.32 -9.71
CA VAL A 61 1.01 -22.11 -11.13
C VAL A 61 1.27 -20.63 -11.35
N PHE A 62 2.19 -20.32 -12.27
CA PHE A 62 2.54 -18.95 -12.59
C PHE A 62 1.93 -18.55 -13.93
N TYR A 63 1.43 -17.32 -14.00
CA TYR A 63 0.85 -16.76 -15.22
C TYR A 63 1.64 -15.51 -15.58
N ASN A 64 2.26 -15.52 -16.76
CA ASN A 64 3.07 -14.38 -17.17
C ASN A 64 2.19 -13.20 -17.57
N LEU A 65 2.77 -12.00 -17.43
CA LEU A 65 2.14 -10.80 -17.94
C LEU A 65 1.96 -10.91 -19.45
N ASP A 66 3.03 -11.28 -20.14
CA ASP A 66 2.99 -11.56 -21.57
C ASP A 66 2.61 -13.03 -21.72
N THR A 67 1.34 -13.30 -22.04
CA THR A 67 0.85 -14.67 -22.10
C THR A 67 1.55 -15.50 -23.17
N LYS A 68 2.25 -14.84 -24.11
CA LYS A 68 2.94 -15.59 -25.16
C LYS A 68 4.28 -16.15 -24.70
N ASP A 69 4.81 -15.67 -23.58
CA ASP A 69 6.08 -16.14 -23.05
C ASP A 69 5.87 -17.43 -22.25
N ASP A 70 6.44 -18.55 -22.73
CA ASP A 70 6.29 -19.81 -22.02
C ASP A 70 7.15 -19.94 -20.78
N ILE A 71 8.14 -19.08 -20.59
CA ILE A 71 9.14 -19.24 -19.52
C ILE A 71 8.88 -18.20 -18.43
N VAL A 72 9.01 -18.62 -17.18
CA VAL A 72 8.93 -17.71 -16.03
C VAL A 72 10.32 -17.15 -15.77
N ARG A 73 10.45 -15.82 -15.84
CA ARG A 73 11.73 -15.15 -15.76
C ARG A 73 11.78 -14.21 -14.56
N ARG A 74 12.99 -13.94 -14.09
CA ARG A 74 13.19 -13.00 -13.00
C ARG A 74 12.73 -11.59 -13.37
N SER A 75 12.26 -10.86 -12.36
CA SER A 75 11.95 -9.44 -12.48
C SER A 75 10.82 -9.15 -13.46
N ASN A 76 9.94 -10.12 -13.72
CA ASN A 76 8.79 -9.97 -14.60
C ASN A 76 7.52 -10.07 -13.75
N ASP A 77 6.60 -9.13 -13.91
CA ASP A 77 5.30 -9.23 -13.24
C ASP A 77 4.57 -10.50 -13.67
N LEU A 78 4.01 -11.21 -12.68
CA LEU A 78 3.24 -12.41 -12.98
C LEU A 78 2.15 -12.56 -11.92
N ASN A 79 1.19 -13.44 -12.21
CA ASN A 79 0.22 -13.86 -11.22
C ASN A 79 0.60 -15.23 -10.67
N ILE A 80 0.25 -15.46 -9.42
CA ILE A 80 0.57 -16.69 -8.71
C ILE A 80 -0.72 -17.28 -8.18
N GLN A 81 -0.98 -18.57 -8.47
CA GLN A 81 -2.24 -19.18 -8.09
C GLN A 81 -2.00 -20.55 -7.49
N PHE A 82 -2.52 -20.78 -6.28
CA PHE A 82 -2.50 -22.13 -5.72
C PHE A 82 -3.43 -23.03 -6.51
N VAL A 83 -3.00 -24.28 -6.71
CA VAL A 83 -3.84 -25.30 -7.34
C VAL A 83 -4.03 -26.39 -6.31
N PRO A 84 -5.03 -26.26 -5.43
CA PRO A 84 -5.23 -27.26 -4.38
C PRO A 84 -5.71 -28.60 -4.93
N ILE A 85 -5.19 -29.67 -4.35
CA ILE A 85 -5.72 -31.00 -4.64
C ILE A 85 -7.03 -31.21 -3.90
N ARG A 86 -7.24 -30.50 -2.80
CA ARG A 86 -8.39 -30.69 -1.94
C ARG A 86 -9.58 -29.86 -2.42
N ASP A 87 -10.74 -30.15 -1.81
CA ASP A 87 -11.97 -29.41 -2.08
C ASP A 87 -11.80 -27.93 -1.77
N LYS A 88 -12.71 -27.12 -2.31
CA LYS A 88 -12.70 -25.68 -2.07
C LYS A 88 -13.41 -25.40 -0.74
N LEU A 89 -12.67 -24.80 0.20
CA LEU A 89 -13.29 -24.29 1.43
C LEU A 89 -13.92 -22.92 1.19
N CYS A 90 -13.39 -22.20 0.20
CA CYS A 90 -13.79 -20.85 -0.11
C CYS A 90 -14.08 -20.78 -1.59
N LEU A 91 -15.01 -19.92 -1.98
CA LEU A 91 -15.29 -19.67 -3.37
C LEU A 91 -14.56 -18.45 -3.92
N THR A 92 -13.81 -17.75 -3.08
CA THR A 92 -12.85 -16.77 -3.55
C THR A 92 -11.73 -17.46 -4.33
N SER A 93 -10.99 -16.67 -5.10
CA SER A 93 -9.93 -17.25 -5.91
C SER A 93 -8.74 -17.63 -5.03
N THR A 94 -7.90 -18.52 -5.56
CA THR A 94 -6.66 -18.89 -4.89
C THR A 94 -5.47 -18.13 -5.45
N VAL A 95 -5.72 -17.01 -6.14
CA VAL A 95 -4.66 -16.17 -6.71
C VAL A 95 -4.12 -15.27 -5.61
N TRP A 96 -2.79 -15.19 -5.50
CA TRP A 96 -2.18 -14.32 -4.50
C TRP A 96 -2.50 -12.85 -4.78
N LYS A 97 -2.59 -12.07 -3.70
CA LYS A 97 -2.90 -10.66 -3.76
C LYS A 97 -2.34 -10.00 -2.50
N ILE A 98 -1.88 -8.76 -2.62
CA ILE A 98 -1.51 -8.00 -1.43
C ILE A 98 -2.80 -7.45 -0.80
N ASP A 99 -2.92 -7.63 0.51
CA ASP A 99 -4.07 -7.17 1.28
C ASP A 99 -4.00 -5.66 1.52
N ASP A 100 -5.12 -5.12 1.99
CA ASP A 100 -5.10 -3.78 2.57
C ASP A 100 -4.30 -3.79 3.86
N TYR A 101 -3.69 -2.64 4.17
CA TYR A 101 -2.91 -2.48 5.41
C TYR A 101 -3.68 -2.95 6.63
N ASP A 102 -3.00 -3.76 7.48
CA ASP A 102 -3.58 -4.33 8.68
C ASP A 102 -3.13 -3.49 9.87
N THR A 103 -4.01 -2.59 10.33
CA THR A 103 -3.61 -1.70 11.42
C THR A 103 -3.29 -2.45 12.71
N SER A 104 -3.86 -3.64 12.91
CA SER A 104 -3.63 -4.33 14.18
C SER A 104 -2.24 -4.95 14.27
N THR A 105 -1.54 -5.11 13.14
CA THR A 105 -0.21 -5.70 13.14
C THR A 105 0.85 -4.86 12.46
N GLY A 106 0.47 -3.83 11.69
CA GLY A 106 1.41 -3.10 10.89
C GLY A 106 1.90 -3.80 9.63
N LYS A 107 1.18 -4.81 9.16
CA LYS A 107 1.66 -5.64 8.06
C LYS A 107 0.78 -5.48 6.82
N TRP A 108 1.42 -5.65 5.66
CA TRP A 108 0.73 -5.81 4.38
C TRP A 108 0.84 -7.29 4.03
N TRP A 109 -0.22 -8.05 4.33
CA TRP A 109 -0.18 -9.50 4.18
C TRP A 109 -0.37 -9.94 2.73
N VAL A 110 0.21 -11.09 2.39
CA VAL A 110 -0.17 -11.79 1.17
C VAL A 110 -1.41 -12.62 1.48
N THR A 111 -2.48 -12.38 0.73
CA THR A 111 -3.70 -13.16 0.90
C THR A 111 -4.12 -13.70 -0.46
N THR A 112 -5.35 -14.18 -0.61
CA THR A 112 -5.77 -14.61 -1.94
C THR A 112 -6.98 -13.78 -2.41
N ASP A 113 -7.83 -14.37 -3.26
CA ASP A 113 -8.87 -13.63 -4.02
C ASP A 113 -8.27 -12.61 -4.98
N GLY A 114 -7.07 -12.87 -5.47
CA GLY A 114 -6.50 -12.08 -6.54
C GLY A 114 -7.17 -12.40 -7.87
N VAL A 115 -6.68 -11.73 -8.91
CA VAL A 115 -7.22 -11.85 -10.27
C VAL A 115 -6.07 -12.20 -11.21
N ILE A 116 -6.39 -13.00 -12.24
CA ILE A 116 -5.42 -13.36 -13.28
C ILE A 116 -5.60 -12.43 -14.47
N GLY A 117 -4.49 -11.89 -14.97
CA GLY A 117 -4.53 -11.08 -16.17
C GLY A 117 -5.13 -9.71 -15.97
N ASN A 118 -5.55 -9.11 -17.07
CA ASN A 118 -6.03 -7.73 -17.10
C ASN A 118 -5.08 -6.77 -16.38
N PRO A 119 -3.82 -6.71 -16.81
CA PRO A 119 -2.86 -5.83 -16.12
C PRO A 119 -3.30 -4.38 -16.20
N GLY A 120 -3.17 -3.68 -15.07
CA GLY A 120 -3.57 -2.31 -14.98
C GLY A 120 -3.94 -1.96 -13.56
N PRO A 121 -4.53 -0.78 -13.36
CA PRO A 121 -4.84 -0.34 -11.99
C PRO A 121 -5.76 -1.27 -11.24
N GLN A 122 -6.73 -1.90 -11.92
CA GLN A 122 -7.71 -2.70 -11.20
C GLN A 122 -7.09 -3.93 -10.57
N THR A 123 -6.07 -4.49 -11.20
CA THR A 123 -5.47 -5.76 -10.77
C THR A 123 -4.10 -5.57 -10.13
N LEU A 124 -3.76 -4.32 -9.76
CA LEU A 124 -2.39 -3.99 -9.33
C LEU A 124 -1.91 -4.89 -8.20
N GLN A 125 -2.80 -5.24 -7.28
CA GLN A 125 -2.40 -6.00 -6.10
C GLN A 125 -2.12 -7.48 -6.37
N SER A 126 -2.35 -7.96 -7.60
CA SER A 126 -2.21 -9.36 -7.97
C SER A 126 -0.91 -9.66 -8.73
N TRP A 127 -0.02 -8.68 -8.88
CA TRP A 127 1.18 -8.86 -9.70
C TRP A 127 2.41 -8.94 -8.82
N PHE A 128 3.17 -10.03 -8.96
CA PHE A 128 4.36 -10.31 -8.18
C PHE A 128 5.54 -10.55 -9.11
N LYS A 129 6.74 -10.36 -8.59
CA LYS A 129 7.96 -10.71 -9.29
C LYS A 129 8.74 -11.76 -8.51
N ILE A 130 9.53 -12.54 -9.23
CA ILE A 130 10.48 -13.45 -8.63
C ILE A 130 11.87 -12.87 -8.86
N GLU A 131 12.65 -12.76 -7.79
CA GLU A 131 14.00 -12.22 -7.88
C GLU A 131 15.01 -13.20 -7.31
N LYS A 132 16.23 -13.13 -7.82
CA LYS A 132 17.29 -13.93 -7.24
C LYS A 132 17.57 -13.46 -5.82
N SER A 133 17.79 -14.42 -4.93
CA SER A 133 18.13 -14.15 -3.54
C SER A 133 19.57 -14.62 -3.31
N GLY A 134 20.52 -13.77 -3.69
CA GLY A 134 21.92 -14.08 -3.47
C GLY A 134 22.29 -15.42 -4.09
N THR A 135 23.01 -16.24 -3.33
CA THR A 135 23.44 -17.55 -3.79
C THR A 135 22.51 -18.68 -3.36
N LEU A 136 21.32 -18.36 -2.83
CA LEU A 136 20.46 -19.39 -2.27
C LEU A 136 18.99 -19.06 -2.59
N GLY A 137 18.55 -19.53 -3.74
CA GLY A 137 17.12 -19.50 -4.05
C GLY A 137 16.63 -18.17 -4.60
N TYR A 138 15.32 -17.97 -4.45
CA TYR A 138 14.61 -16.85 -5.03
C TYR A 138 13.72 -16.24 -3.96
N LYS A 139 13.43 -14.97 -4.12
CA LYS A 139 12.49 -14.29 -3.23
C LYS A 139 11.37 -13.70 -4.06
N PHE A 140 10.21 -13.57 -3.43
CA PHE A 140 9.11 -12.87 -4.07
C PHE A 140 9.23 -11.39 -3.77
N ASN A 141 8.84 -10.59 -4.76
CA ASN A 141 8.98 -9.14 -4.72
C ASN A 141 7.66 -8.56 -5.20
N PHE A 142 7.04 -7.70 -4.39
CA PHE A 142 5.85 -7.00 -4.83
C PHE A 142 6.28 -5.60 -5.25
N CYS A 143 6.37 -5.39 -6.54
CA CYS A 143 6.75 -4.10 -7.08
C CYS A 143 6.20 -3.98 -8.50
N PRO A 144 4.88 -3.92 -8.66
CA PRO A 144 4.30 -4.06 -10.01
C PRO A 144 4.59 -2.86 -10.90
N SER A 145 4.80 -3.15 -12.18
CA SER A 145 5.07 -2.19 -13.24
C SER A 145 3.90 -2.05 -14.21
N VAL A 146 2.77 -2.71 -13.92
CA VAL A 146 1.70 -2.81 -14.92
C VAL A 146 0.90 -1.52 -15.08
N CYS A 147 1.11 -0.52 -14.22
CA CYS A 147 0.37 0.74 -14.25
C CYS A 147 1.37 1.86 -14.04
N GLU A 148 1.82 2.50 -15.13
CA GLU A 148 2.85 3.54 -15.04
C GLU A 148 2.42 4.69 -14.13
N SER A 149 1.14 5.05 -14.15
CA SER A 149 0.70 6.21 -13.40
C SER A 149 0.18 5.85 -12.01
N CYS A 150 0.44 4.64 -11.52
CA CYS A 150 -0.01 4.22 -10.20
C CYS A 150 1.14 4.32 -9.21
N VAL A 151 0.84 4.86 -8.04
CA VAL A 151 1.73 4.75 -6.90
C VAL A 151 1.57 3.35 -6.32
N THR A 152 2.69 2.69 -6.03
CA THR A 152 2.66 1.31 -5.56
C THR A 152 3.69 1.11 -4.46
N LEU A 153 3.39 0.17 -3.58
CA LEU A 153 4.41 -0.39 -2.73
C LEU A 153 5.43 -1.13 -3.59
N CYS A 154 6.64 -1.27 -3.06
CA CYS A 154 7.74 -1.90 -3.80
C CYS A 154 8.65 -2.55 -2.75
N ASN A 155 8.35 -3.81 -2.41
CA ASN A 155 9.00 -4.45 -1.28
C ASN A 155 9.06 -5.95 -1.48
N ASP A 156 10.15 -6.53 -0.98
CA ASP A 156 10.27 -7.97 -0.91
C ASP A 156 9.25 -8.56 0.04
N ILE A 157 9.04 -9.86 -0.08
CA ILE A 157 8.08 -10.59 0.74
C ILE A 157 8.86 -11.46 1.72
N GLY A 158 8.57 -11.28 3.01
CA GLY A 158 9.17 -12.06 4.07
C GLY A 158 8.13 -12.92 4.77
N ARG A 159 8.60 -13.69 5.75
CA ARG A 159 7.69 -14.51 6.53
C ARG A 159 7.60 -13.97 7.95
N TYR A 160 6.39 -14.02 8.51
CA TYR A 160 6.10 -13.41 9.79
C TYR A 160 5.03 -14.22 10.52
N GLY A 161 5.24 -14.44 11.80
CA GLY A 161 4.27 -15.17 12.60
C GLY A 161 3.07 -14.31 12.94
N HIS A 162 1.90 -14.94 12.94
CA HIS A 162 0.67 -14.26 13.34
C HIS A 162 -0.34 -15.30 13.77
N ASP A 163 -0.83 -15.18 15.01
CA ASP A 163 -1.88 -16.04 15.54
C ASP A 163 -1.55 -17.52 15.38
N GLY A 164 -0.28 -17.86 15.63
CA GLY A 164 0.16 -19.23 15.58
C GLY A 164 0.46 -19.78 14.21
N GLN A 165 0.39 -18.95 13.17
CA GLN A 165 0.69 -19.38 11.80
C GLN A 165 1.80 -18.54 11.21
N THR A 166 2.54 -19.13 10.26
CA THR A 166 3.56 -18.39 9.53
C THR A 166 2.91 -17.84 8.27
N ARG A 167 2.83 -16.52 8.19
CA ARG A 167 2.27 -15.82 7.04
C ARG A 167 3.37 -15.17 6.22
N LEU A 168 2.99 -14.68 5.04
CA LEU A 168 3.87 -13.89 4.21
C LEU A 168 3.39 -12.45 4.24
N ALA A 169 4.34 -11.51 4.24
CA ALA A 169 3.99 -10.10 4.23
C ALA A 169 5.13 -9.32 3.60
N LEU A 170 4.82 -8.09 3.17
CA LEU A 170 5.90 -7.23 2.71
C LEU A 170 6.89 -6.98 3.85
N GLY A 171 8.16 -6.86 3.50
CA GLY A 171 9.17 -6.61 4.51
C GLY A 171 10.47 -6.15 3.88
N GLU A 172 11.48 -5.98 4.72
CA GLU A 172 12.75 -5.48 4.24
C GLU A 172 13.61 -6.59 3.67
N ASN A 173 13.56 -7.78 4.27
CA ASN A 173 14.42 -8.91 3.89
C ASN A 173 13.54 -10.03 3.37
N GLY A 174 13.63 -10.30 2.07
CA GLY A 174 12.78 -11.32 1.47
C GLY A 174 13.23 -12.72 1.85
N TRP A 175 12.24 -13.58 2.10
CA TRP A 175 12.57 -14.95 2.46
C TRP A 175 12.89 -15.77 1.21
N PRO A 176 13.92 -16.59 1.24
CA PRO A 176 14.30 -17.35 0.04
C PRO A 176 13.56 -18.67 -0.12
N PHE A 177 13.17 -18.95 -1.37
CA PHE A 177 12.47 -20.16 -1.73
C PHE A 177 13.16 -20.83 -2.91
N VAL A 178 12.86 -22.12 -3.07
CA VAL A 178 13.19 -22.86 -4.29
C VAL A 178 11.89 -23.43 -4.85
N PHE A 179 11.94 -23.81 -6.13
CA PHE A 179 10.77 -24.32 -6.82
C PHE A 179 11.00 -25.77 -7.20
N LYS A 180 10.07 -26.63 -6.79
CA LYS A 180 10.17 -28.05 -7.03
C LYS A 180 9.00 -28.49 -7.90
N LYS A 181 9.30 -29.19 -9.00
CA LYS A 181 8.24 -29.70 -9.87
C LYS A 181 7.23 -30.54 -9.08
N ALA A 182 5.94 -30.26 -9.30
CA ALA A 182 4.92 -31.18 -8.86
C ALA A 182 4.82 -32.33 -9.86
N SER A 183 4.08 -33.37 -9.48
CA SER A 183 4.02 -34.57 -10.32
C SER A 183 3.54 -34.25 -11.74
N SER A 184 2.59 -33.31 -11.88
CA SER A 184 2.09 -32.97 -13.21
C SER A 184 3.18 -32.40 -14.10
N THR A 185 4.14 -31.68 -13.52
CA THR A 185 5.20 -31.06 -14.31
C THR A 185 6.31 -32.05 -14.63
N ILE A 186 6.57 -32.99 -13.73
CA ILE A 186 7.56 -34.04 -14.01
C ILE A 186 7.20 -34.77 -15.29
N LYS A 187 5.91 -34.94 -15.56
CA LYS A 187 5.47 -35.60 -16.79
C LYS A 187 5.91 -34.87 -18.05
N GLN A 188 6.21 -33.56 -17.95
CA GLN A 188 6.50 -32.75 -19.12
C GLN A 188 7.94 -32.90 -19.61
N VAL A 189 8.79 -33.60 -18.86
CA VAL A 189 10.18 -33.80 -19.23
C VAL A 189 10.48 -35.28 -19.49
N VAL A 190 9.47 -36.12 -19.47
CA VAL A 190 9.61 -37.56 -19.67
C VAL A 190 8.73 -37.97 -20.86
N ASN A 191 9.20 -38.90 -21.66
CA ASN A 191 8.41 -39.46 -22.75
C ASN A 191 7.67 -40.72 -22.29
N LYS B 1 16.19 21.02 15.79
CA LYS B 1 14.94 20.72 15.11
C LYS B 1 14.90 21.25 13.67
N ASN B 2 13.84 20.85 12.98
CA ASN B 2 13.65 21.18 11.58
C ASN B 2 13.17 22.62 11.44
N GLU B 3 13.17 23.10 10.20
CA GLU B 3 12.78 24.49 10.00
C GLU B 3 11.26 24.63 10.07
N PRO B 4 10.77 25.65 10.76
CA PRO B 4 9.31 25.85 10.84
C PRO B 4 8.67 26.13 9.50
N VAL B 5 7.42 25.66 9.35
CA VAL B 5 6.53 26.07 8.28
C VAL B 5 6.00 27.47 8.57
N LEU B 6 5.96 28.33 7.55
CA LEU B 6 5.45 29.69 7.71
C LEU B 6 4.07 29.86 7.08
N ASP B 7 3.24 30.68 7.70
CA ASP B 7 1.95 31.04 7.11
C ASP B 7 2.13 32.23 6.16
N THR B 8 1.03 32.70 5.58
CA THR B 8 1.12 33.76 4.57
C THR B 8 1.49 35.10 5.17
N ASP B 9 1.42 35.25 6.48
CA ASP B 9 1.89 36.45 7.18
C ASP B 9 3.36 36.32 7.57
N GLY B 10 4.02 35.22 7.25
CA GLY B 10 5.39 35.01 7.65
C GLY B 10 5.56 34.52 9.08
N ASP B 11 4.48 34.12 9.74
CA ASP B 11 4.57 33.65 11.11
C ASP B 11 4.61 32.13 11.10
N GLU B 12 5.44 31.56 11.97
CA GLU B 12 5.53 30.10 12.03
C GLU B 12 4.18 29.50 12.40
N LEU B 13 3.86 28.36 11.79
CA LEU B 13 2.66 27.64 12.17
C LEU B 13 2.77 27.13 13.59
N ARG B 14 1.66 27.17 14.32
CA ARG B 14 1.62 26.63 15.68
C ARG B 14 0.60 25.50 15.79
N ALA B 15 1.00 24.44 16.49
CA ALA B 15 0.10 23.33 16.73
C ALA B 15 -1.14 23.82 17.46
N GLY B 16 -2.29 23.28 17.06
CA GLY B 16 -3.55 23.63 17.67
C GLY B 16 -4.19 24.91 17.16
N GLU B 17 -3.53 25.65 16.27
CA GLU B 17 -4.10 26.85 15.69
C GLU B 17 -4.73 26.53 14.34
N GLN B 18 -5.72 27.33 13.96
CA GLN B 18 -6.48 27.04 12.75
C GLN B 18 -5.89 27.76 11.54
N TYR B 19 -5.72 27.02 10.43
CA TYR B 19 -5.19 27.54 9.18
C TYR B 19 -6.02 27.03 8.01
N TYR B 20 -6.37 27.93 7.09
CA TYR B 20 -6.84 27.49 5.78
C TYR B 20 -5.66 26.96 4.98
N VAL B 21 -5.89 25.91 4.21
CA VAL B 21 -4.90 25.33 3.31
C VAL B 21 -5.34 25.68 1.91
N VAL B 22 -4.65 26.63 1.27
CA VAL B 22 -5.10 27.24 0.02
C VAL B 22 -4.07 26.95 -1.06
N SER B 23 -4.54 26.54 -2.24
CA SER B 23 -3.64 26.31 -3.35
C SER B 23 -2.77 27.55 -3.58
N ALA B 24 -1.47 27.32 -3.68
CA ALA B 24 -0.55 28.40 -4.03
C ALA B 24 -0.70 28.81 -5.49
N ILE B 25 -1.44 28.04 -6.26
CA ILE B 25 -1.71 28.30 -7.67
C ILE B 25 -3.19 28.64 -7.76
N TRP B 26 -3.51 29.89 -8.12
CA TRP B 26 -4.88 30.33 -8.12
C TRP B 26 -5.48 30.16 -9.51
N GLY B 27 -6.65 30.74 -9.75
CA GLY B 27 -7.32 30.54 -11.02
C GLY B 27 -7.67 29.08 -11.23
N ALA B 28 -7.18 28.50 -12.33
CA ALA B 28 -7.41 27.08 -12.59
C ALA B 28 -6.80 26.17 -11.53
N GLY B 29 -5.88 26.70 -10.70
CA GLY B 29 -5.36 25.94 -9.58
C GLY B 29 -6.30 25.83 -8.39
N GLY B 30 -7.42 26.55 -8.41
CA GLY B 30 -8.44 26.39 -7.38
C GLY B 30 -8.13 27.11 -6.08
N GLY B 31 -8.99 26.85 -5.10
CA GLY B 31 -8.88 27.49 -3.79
C GLY B 31 -8.40 26.57 -2.69
N GLY B 32 -9.12 26.59 -1.55
CA GLY B 32 -8.70 25.88 -0.36
C GLY B 32 -9.31 24.49 -0.24
N LEU B 33 -8.79 23.73 0.73
CA LEU B 33 -9.25 22.39 1.02
C LEU B 33 -10.48 22.41 1.94
N ALA B 34 -11.31 21.36 1.83
CA ALA B 34 -12.54 21.29 2.60
C ALA B 34 -12.97 19.84 2.73
N LEU B 35 -13.94 19.61 3.60
CA LEU B 35 -14.58 18.31 3.71
C LEU B 35 -15.58 18.14 2.57
N GLY B 36 -15.55 16.99 1.92
CA GLY B 36 -16.48 16.68 0.84
C GLY B 36 -17.12 15.33 1.08
N ARG B 37 -18.00 14.97 0.15
CA ARG B 37 -18.74 13.72 0.26
C ARG B 37 -18.87 13.10 -1.13
N LEU B 38 -19.00 11.78 -1.16
CA LEU B 38 -19.23 11.04 -2.39
C LEU B 38 -20.71 10.70 -2.53
N THR B 39 -21.09 10.29 -3.74
CA THR B 39 -22.48 9.91 -3.99
C THR B 39 -22.91 8.76 -3.09
N ASP B 40 -22.15 7.68 -3.07
CA ASP B 40 -22.52 6.52 -2.27
C ASP B 40 -22.05 6.59 -0.84
N GLN B 41 -21.27 7.61 -0.49
CA GLN B 41 -20.64 7.67 0.82
C GLN B 41 -20.62 9.11 1.29
N LYS B 42 -21.27 9.38 2.41
CA LYS B 42 -21.12 10.68 3.01
C LYS B 42 -20.43 10.63 4.35
N CYS B 43 -20.18 9.43 4.89
CA CYS B 43 -19.35 9.23 6.07
C CYS B 43 -18.47 8.00 5.87
N PRO B 44 -17.15 8.14 6.05
CA PRO B 44 -16.47 9.38 6.43
C PRO B 44 -16.44 10.38 5.29
N GLU B 45 -16.24 11.66 5.61
CA GLU B 45 -16.08 12.65 4.58
C GLU B 45 -14.70 12.52 3.96
N ILE B 46 -14.59 12.98 2.73
CA ILE B 46 -13.35 12.94 2.00
C ILE B 46 -12.73 14.34 2.02
N VAL B 47 -11.51 14.46 1.53
CA VAL B 47 -10.84 15.75 1.40
C VAL B 47 -11.00 16.22 -0.04
N VAL B 48 -11.56 17.42 -0.23
CA VAL B 48 -11.70 17.98 -1.57
C VAL B 48 -11.09 19.37 -1.59
N GLN B 49 -10.87 19.86 -2.80
CA GLN B 49 -10.43 21.24 -3.03
C GLN B 49 -11.56 22.04 -3.67
N ARG B 50 -11.79 23.26 -3.17
CA ARG B 50 -12.76 24.15 -3.78
C ARG B 50 -12.26 24.62 -5.14
N ARG B 51 -13.19 24.73 -6.09
CA ARG B 51 -12.82 25.19 -7.42
C ARG B 51 -12.55 26.69 -7.44
N SER B 52 -13.30 27.46 -6.66
CA SER B 52 -13.12 28.91 -6.61
C SER B 52 -11.89 29.26 -5.79
N ASP B 53 -10.98 30.04 -6.39
CA ASP B 53 -9.83 30.50 -5.62
C ASP B 53 -10.17 31.59 -4.60
N MET B 54 -11.41 32.07 -4.54
CA MET B 54 -11.81 32.92 -3.43
C MET B 54 -12.45 32.16 -2.28
N ASP B 55 -12.60 30.85 -2.42
CA ASP B 55 -13.15 29.99 -1.37
C ASP B 55 -11.97 29.29 -0.71
N TYR B 56 -11.65 29.68 0.51
CA TYR B 56 -10.52 29.10 1.23
C TYR B 56 -10.87 27.77 1.88
N GLY B 57 -12.13 27.35 1.83
CA GLY B 57 -12.52 26.06 2.36
C GLY B 57 -12.71 26.05 3.86
N THR B 58 -12.30 24.96 4.49
CA THR B 58 -12.43 24.72 5.91
C THR B 58 -11.05 24.70 6.56
N PRO B 59 -10.85 25.41 7.66
CA PRO B 59 -9.55 25.39 8.33
C PRO B 59 -9.19 24.00 8.84
N VAL B 60 -7.88 23.78 8.97
CA VAL B 60 -7.32 22.62 9.66
C VAL B 60 -6.56 23.07 10.89
N VAL B 61 -6.37 22.14 11.80
CA VAL B 61 -5.42 22.24 12.90
C VAL B 61 -4.41 21.12 12.73
N PHE B 62 -3.19 21.37 13.19
CA PHE B 62 -2.10 20.41 13.16
C PHE B 62 -1.75 19.93 14.55
N TYR B 63 -1.46 18.63 14.68
CA TYR B 63 -0.99 18.04 15.93
C TYR B 63 0.38 17.44 15.70
N ASN B 64 1.34 17.82 16.55
CA ASN B 64 2.69 17.32 16.40
C ASN B 64 2.83 15.92 16.96
N LEU B 65 3.79 15.19 16.41
CA LEU B 65 4.20 13.90 16.98
C LEU B 65 4.63 14.09 18.42
N ASP B 66 5.53 15.03 18.65
CA ASP B 66 5.98 15.40 19.98
C ASP B 66 5.08 16.52 20.48
N THR B 67 4.18 16.20 21.42
CA THR B 67 3.19 17.16 21.87
C THR B 67 3.82 18.36 22.58
N LYS B 68 5.10 18.26 22.98
CA LYS B 68 5.75 19.38 23.65
C LYS B 68 6.16 20.48 22.67
N ASP B 69 6.39 20.13 21.41
CA ASP B 69 6.78 21.13 20.41
C ASP B 69 5.56 21.90 19.96
N ASP B 70 5.56 23.21 20.22
CA ASP B 70 4.46 24.08 19.86
C ASP B 70 4.47 24.48 18.39
N ILE B 71 5.56 24.24 17.67
CA ILE B 71 5.77 24.77 16.33
C ILE B 71 5.62 23.64 15.32
N VAL B 72 4.93 23.92 14.21
CA VAL B 72 4.84 22.98 13.10
C VAL B 72 6.03 23.18 12.20
N ARG B 73 6.83 22.14 12.03
CA ARG B 73 8.07 22.20 11.27
C ARG B 73 8.02 21.25 10.08
N ARG B 74 8.85 21.55 9.08
CA ARG B 74 8.95 20.71 7.89
C ARG B 74 9.52 19.35 8.25
N SER B 75 9.09 18.33 7.48
CA SER B 75 9.61 16.96 7.56
C SER B 75 9.36 16.30 8.91
N ASN B 76 8.31 16.71 9.62
CA ASN B 76 7.90 16.11 10.87
C ASN B 76 6.54 15.49 10.70
N ASP B 77 6.39 14.28 11.21
CA ASP B 77 5.08 13.60 11.15
C ASP B 77 4.07 14.39 11.97
N LEU B 78 2.91 14.65 11.38
CA LEU B 78 1.84 15.41 12.07
C LEU B 78 0.48 14.78 11.79
N ASN B 79 -0.50 15.09 12.64
CA ASN B 79 -1.90 14.76 12.33
C ASN B 79 -2.56 16.04 11.83
N ILE B 80 -3.46 15.91 10.86
CA ILE B 80 -4.14 17.06 10.25
C ILE B 80 -5.63 16.86 10.45
N GLN B 81 -6.30 17.88 10.98
CA GLN B 81 -7.72 17.72 11.32
C GLN B 81 -8.52 18.92 10.83
N PHE B 82 -9.56 18.69 10.04
CA PHE B 82 -10.47 19.78 9.70
C PHE B 82 -11.27 20.23 10.91
N VAL B 83 -11.46 21.53 11.03
CA VAL B 83 -12.32 22.09 12.09
C VAL B 83 -13.42 22.89 11.41
N PRO B 84 -14.56 22.28 11.13
CA PRO B 84 -15.65 23.02 10.47
C PRO B 84 -16.32 23.98 11.42
N ILE B 85 -16.88 25.06 10.86
CA ILE B 85 -17.77 25.91 11.63
C ILE B 85 -19.19 25.36 11.57
N ARG B 86 -19.54 24.67 10.49
CA ARG B 86 -20.87 24.10 10.31
C ARG B 86 -21.04 22.84 11.17
N ASP B 87 -22.31 22.49 11.38
CA ASP B 87 -22.66 21.24 12.05
C ASP B 87 -21.91 20.08 11.42
N LYS B 88 -21.50 19.14 12.26
CA LYS B 88 -20.82 17.96 11.75
C LYS B 88 -21.83 17.00 11.14
N LEU B 89 -21.44 16.37 10.03
CA LEU B 89 -22.30 15.43 9.32
C LEU B 89 -22.02 13.97 9.65
N CYS B 90 -20.99 13.68 10.46
CA CYS B 90 -20.59 12.30 10.71
C CYS B 90 -20.13 12.16 12.16
N LEU B 91 -20.22 10.96 12.68
CA LEU B 91 -19.50 10.71 13.92
C LEU B 91 -18.06 10.31 13.67
N THR B 92 -17.70 10.00 12.43
CA THR B 92 -16.30 9.72 12.11
C THR B 92 -15.49 11.00 12.26
N SER B 93 -14.19 10.82 12.47
CA SER B 93 -13.37 12.00 12.69
C SER B 93 -13.13 12.75 11.39
N THR B 94 -12.74 14.02 11.54
CA THR B 94 -12.30 14.85 10.43
C THR B 94 -10.78 14.87 10.29
N VAL B 95 -10.11 13.89 10.88
CA VAL B 95 -8.65 13.76 10.80
C VAL B 95 -8.28 13.10 9.46
N TRP B 96 -7.30 13.67 8.76
CA TRP B 96 -6.89 13.11 7.49
C TRP B 96 -6.27 11.73 7.65
N LYS B 97 -6.45 10.88 6.65
CA LYS B 97 -5.95 9.51 6.67
C LYS B 97 -5.78 9.06 5.23
N ILE B 98 -4.75 8.27 4.96
CA ILE B 98 -4.65 7.62 3.64
C ILE B 98 -5.60 6.45 3.60
N ASP B 99 -6.39 6.37 2.54
CA ASP B 99 -7.37 5.31 2.32
C ASP B 99 -6.68 4.00 1.89
N ASP B 100 -7.47 2.94 1.87
CA ASP B 100 -7.04 1.71 1.19
C ASP B 100 -7.01 1.95 -0.32
N TYR B 101 -6.14 1.19 -1.01
CA TYR B 101 -6.03 1.32 -2.46
C TYR B 101 -7.39 1.19 -3.13
N ASP B 102 -7.69 2.11 -4.06
CA ASP B 102 -8.95 2.15 -4.80
C ASP B 102 -8.72 1.50 -6.16
N THR B 103 -9.16 0.23 -6.30
CA THR B 103 -8.87 -0.46 -7.55
C THR B 103 -9.59 0.16 -8.75
N SER B 104 -10.71 0.84 -8.52
CA SER B 104 -11.47 1.38 -9.65
C SER B 104 -10.80 2.61 -10.28
N THR B 105 -9.88 3.27 -9.56
CA THR B 105 -9.18 4.44 -10.08
C THR B 105 -7.66 4.31 -10.08
N GLY B 106 -7.11 3.38 -9.33
CA GLY B 106 -5.66 3.29 -9.19
C GLY B 106 -5.09 4.31 -8.23
N LYS B 107 -5.90 4.87 -7.35
CA LYS B 107 -5.45 5.95 -6.47
C LYS B 107 -5.46 5.53 -5.00
N TRP B 108 -4.55 6.15 -4.24
CA TRP B 108 -4.53 6.14 -2.78
C TRP B 108 -5.03 7.50 -2.34
N TRP B 109 -6.31 7.58 -2.01
CA TRP B 109 -6.97 8.85 -1.73
C TRP B 109 -6.66 9.32 -0.30
N VAL B 110 -6.69 10.64 -0.10
CA VAL B 110 -6.74 11.20 1.24
C VAL B 110 -8.21 11.24 1.63
N THR B 111 -8.53 10.61 2.75
CA THR B 111 -9.90 10.65 3.27
C THR B 111 -9.86 11.10 4.73
N THR B 112 -10.94 10.93 5.48
CA THR B 112 -10.85 11.25 6.90
C THR B 112 -11.11 10.00 7.76
N ASP B 113 -11.63 10.20 8.97
CA ASP B 113 -11.70 9.16 10.02
C ASP B 113 -10.30 8.69 10.45
N GLY B 114 -9.33 9.59 10.37
CA GLY B 114 -8.04 9.35 10.96
C GLY B 114 -8.10 9.43 12.48
N VAL B 115 -6.93 9.26 13.08
CA VAL B 115 -6.76 9.23 14.53
C VAL B 115 -5.71 10.26 14.91
N ILE B 116 -5.87 10.91 16.06
CA ILE B 116 -4.88 11.83 16.60
C ILE B 116 -4.01 11.09 17.62
N GLY B 117 -2.70 11.23 17.49
CA GLY B 117 -1.80 10.70 18.49
C GLY B 117 -1.61 9.20 18.36
N ASN B 118 -1.14 8.60 19.45
CA ASN B 118 -0.77 7.18 19.50
C ASN B 118 0.06 6.74 18.29
N PRO B 119 1.22 7.38 18.06
CA PRO B 119 2.05 6.98 16.91
C PRO B 119 2.48 5.54 17.01
N GLY B 120 2.39 4.84 15.88
CA GLY B 120 2.78 3.46 15.81
C GLY B 120 2.05 2.83 14.65
N PRO B 121 2.11 1.49 14.58
CA PRO B 121 1.46 0.80 13.46
C PRO B 121 -0.04 1.01 13.37
N GLN B 122 -0.74 1.17 14.51
CA GLN B 122 -2.19 1.26 14.44
C GLN B 122 -2.64 2.53 13.75
N THR B 123 -1.88 3.62 13.89
CA THR B 123 -2.27 4.94 13.38
C THR B 123 -1.43 5.37 12.19
N LEU B 124 -0.69 4.45 11.57
CA LEU B 124 0.28 4.79 10.53
C LEU B 124 -0.31 5.66 9.43
N GLN B 125 -1.55 5.38 9.04
CA GLN B 125 -2.19 6.06 7.92
C GLN B 125 -2.58 7.51 8.22
N SER B 126 -2.44 7.96 9.48
CA SER B 126 -2.87 9.29 9.91
C SER B 126 -1.72 10.29 10.03
N TRP B 127 -0.50 9.94 9.61
CA TRP B 127 0.66 10.81 9.83
C TRP B 127 1.14 11.38 8.50
N PHE B 128 1.21 12.70 8.41
CA PHE B 128 1.59 13.44 7.22
C PHE B 128 2.76 14.37 7.54
N LYS B 129 3.50 14.72 6.50
CA LYS B 129 4.60 15.67 6.61
C LYS B 129 4.32 16.86 5.70
N ILE B 130 4.86 18.02 6.08
CA ILE B 130 4.83 19.20 5.23
C ILE B 130 6.24 19.45 4.75
N GLU B 131 6.39 19.66 3.46
CA GLU B 131 7.70 19.92 2.87
C GLU B 131 7.64 21.13 1.96
N LYS B 132 8.81 21.73 1.74
CA LYS B 132 8.92 22.78 0.73
C LYS B 132 8.58 22.18 -0.63
N SER B 133 7.73 22.87 -1.38
CA SER B 133 7.40 22.44 -2.72
C SER B 133 8.51 22.86 -3.67
N GLY B 134 8.73 22.03 -4.69
CA GLY B 134 9.77 22.30 -5.67
C GLY B 134 9.51 23.51 -6.55
N THR B 135 8.62 24.39 -6.10
CA THR B 135 8.33 25.63 -6.84
C THR B 135 7.99 26.77 -5.87
N LEU B 136 6.75 26.83 -5.40
CA LEU B 136 6.34 27.83 -4.42
C LEU B 136 5.48 27.15 -3.36
N GLY B 137 5.45 27.72 -2.17
CA GLY B 137 4.60 27.15 -1.14
C GLY B 137 5.10 25.81 -0.60
N TYR B 138 4.15 25.02 -0.10
CA TYR B 138 4.44 23.76 0.58
C TYR B 138 3.64 22.64 -0.06
N LYS B 139 4.17 21.42 0.06
CA LYS B 139 3.43 20.23 -0.36
C LYS B 139 3.25 19.30 0.83
N PHE B 140 2.20 18.50 0.79
CA PHE B 140 2.05 17.44 1.75
C PHE B 140 2.75 16.17 1.26
N ASN B 141 3.27 15.45 2.23
CA ASN B 141 3.98 14.19 1.94
C ASN B 141 3.50 13.12 2.92
N PHE B 142 3.18 11.97 2.39
CA PHE B 142 2.83 10.83 3.23
C PHE B 142 4.00 9.88 3.21
N CYS B 143 4.73 9.85 4.31
CA CYS B 143 5.92 9.01 4.46
C CYS B 143 6.23 8.85 5.94
N PRO B 144 5.36 8.20 6.71
CA PRO B 144 5.50 8.23 8.17
C PRO B 144 6.73 7.47 8.63
N SER B 145 7.35 8.01 9.69
CA SER B 145 8.48 7.38 10.36
C SER B 145 8.10 6.86 11.75
N VAL B 146 6.81 6.81 12.06
CA VAL B 146 6.37 6.49 13.42
C VAL B 146 6.49 5.01 13.77
N CYS B 147 6.71 4.14 12.78
CA CYS B 147 6.83 2.68 12.99
C CYS B 147 8.00 2.23 12.12
N GLU B 148 9.21 2.18 12.68
CA GLU B 148 10.35 1.93 11.80
C GLU B 148 10.38 0.51 11.26
N SER B 149 9.66 -0.43 11.89
CA SER B 149 9.54 -1.78 11.35
C SER B 149 8.38 -1.94 10.37
N CYS B 150 7.66 -0.86 10.06
CA CYS B 150 6.54 -0.95 9.13
C CYS B 150 6.97 -0.60 7.72
N VAL B 151 6.48 -1.37 6.77
CA VAL B 151 6.54 -1.00 5.36
C VAL B 151 5.47 0.05 5.10
N THR B 152 5.84 1.12 4.40
CA THR B 152 4.92 2.23 4.18
C THR B 152 5.07 2.79 2.77
N LEU B 153 3.97 3.34 2.26
CA LEU B 153 4.05 4.24 1.12
C LEU B 153 4.86 5.47 1.50
N CYS B 154 5.46 6.11 0.50
CA CYS B 154 6.28 7.28 0.78
C CYS B 154 6.18 8.18 -0.45
N ASN B 155 5.19 9.07 -0.44
CA ASN B 155 4.83 9.78 -1.66
C ASN B 155 4.27 11.14 -1.35
N ASP B 156 4.51 12.07 -2.28
CA ASP B 156 3.86 13.37 -2.26
C ASP B 156 2.36 13.24 -2.48
N ILE B 157 1.64 14.28 -2.10
CA ILE B 157 0.20 14.36 -2.28
C ILE B 157 -0.11 15.35 -3.40
N GLY B 158 -0.73 14.85 -4.47
CA GLY B 158 -1.17 15.66 -5.57
C GLY B 158 -2.69 15.83 -5.58
N ARG B 159 -3.17 16.58 -6.57
CA ARG B 159 -4.61 16.78 -6.72
C ARG B 159 -5.10 16.13 -8.00
N TYR B 160 -6.31 15.56 -7.94
CA TYR B 160 -6.80 14.72 -9.03
C TYR B 160 -8.32 14.81 -9.11
N GLY B 161 -8.84 14.96 -10.33
CA GLY B 161 -10.27 15.09 -10.52
C GLY B 161 -10.92 13.73 -10.60
N HIS B 162 -12.03 13.57 -9.88
CA HIS B 162 -12.79 12.33 -9.98
C HIS B 162 -14.25 12.60 -9.69
N ASP B 163 -15.12 12.16 -10.61
CA ASP B 163 -16.56 12.25 -10.44
C ASP B 163 -17.01 13.65 -10.04
N GLY B 164 -16.45 14.65 -10.74
CA GLY B 164 -16.91 16.01 -10.58
C GLY B 164 -16.31 16.77 -9.42
N GLN B 165 -15.40 16.18 -8.66
CA GLN B 165 -14.76 16.85 -7.54
C GLN B 165 -13.25 16.75 -7.67
N THR B 166 -12.56 17.72 -7.09
CA THR B 166 -11.11 17.66 -7.00
C THR B 166 -10.73 17.04 -5.67
N ARG B 167 -10.06 15.90 -5.71
CA ARG B 167 -9.62 15.17 -4.53
C ARG B 167 -8.10 15.23 -4.41
N LEU B 168 -7.59 14.76 -3.26
CA LEU B 168 -6.16 14.61 -3.05
C LEU B 168 -5.82 13.13 -3.02
N ALA B 169 -4.67 12.79 -3.59
CA ALA B 169 -4.20 11.41 -3.59
C ALA B 169 -2.69 11.40 -3.65
N LEU B 170 -2.10 10.27 -3.27
CA LEU B 170 -0.67 10.12 -3.47
C LEU B 170 -0.33 10.24 -4.95
N GLY B 171 0.84 10.80 -5.23
CA GLY B 171 1.23 10.94 -6.62
C GLY B 171 2.69 11.31 -6.73
N GLU B 172 3.11 11.50 -7.98
CA GLU B 172 4.51 11.78 -8.25
C GLU B 172 4.86 13.25 -7.99
N ASN B 173 3.93 14.16 -8.28
CA ASN B 173 4.16 15.59 -8.17
C ASN B 173 3.20 16.17 -7.13
N GLY B 174 3.76 16.68 -6.04
CA GLY B 174 2.95 17.25 -4.97
C GLY B 174 2.39 18.63 -5.33
N TRP B 175 1.14 18.83 -5.02
CA TRP B 175 0.52 20.11 -5.31
C TRP B 175 0.87 21.12 -4.24
N PRO B 176 1.18 22.37 -4.63
CA PRO B 176 1.65 23.38 -3.67
C PRO B 176 0.53 24.16 -3.00
N PHE B 177 0.70 24.35 -1.69
CA PHE B 177 -0.25 25.05 -0.87
C PHE B 177 0.46 26.10 -0.01
N VAL B 178 -0.32 27.06 0.45
CA VAL B 178 0.08 28.02 1.47
C VAL B 178 -0.92 27.93 2.61
N PHE B 179 -0.52 28.50 3.75
CA PHE B 179 -1.30 28.40 4.99
C PHE B 179 -1.72 29.79 5.43
N LYS B 180 -3.02 30.03 5.49
CA LYS B 180 -3.57 31.33 5.87
C LYS B 180 -4.24 31.21 7.23
N LYS B 181 -3.78 31.99 8.20
CA LYS B 181 -4.35 31.87 9.53
C LYS B 181 -5.82 32.22 9.48
N ALA B 182 -6.65 31.41 10.13
CA ALA B 182 -8.09 31.54 9.94
C ALA B 182 -8.72 32.59 10.85
N SER B 183 -8.02 33.00 11.92
CA SER B 183 -8.73 33.84 12.89
C SER B 183 -7.85 34.88 13.56
N SER B 184 -6.82 34.45 14.27
CA SER B 184 -6.13 35.34 15.21
C SER B 184 -5.34 36.43 14.53
#